data_4UMV
#
_entry.id   4UMV
#
_cell.length_a   54.462
_cell.length_b   60.972
_cell.length_c   141.523
_cell.angle_alpha   90.00
_cell.angle_beta   95.99
_cell.angle_gamma   90.00
#
_symmetry.space_group_name_H-M   'P 1 21 1'
#
loop_
_entity.id
_entity.type
_entity.pdbx_description
1 polymer 'ZINC-TRANSPORTING ATPASE'
2 non-polymer 'MAGNESIUM ION'
3 non-polymer 'BERYLLIUM TRIFLUORIDE ION'
#
_entity_poly.entity_id   1
_entity_poly.type   'polypeptide(L)'
_entity_poly.pdbx_seq_one_letter_code
;MSTPDNHGKKAPQFAAFKPLTTVQNANDCCCDGACSSSPTLSENVSGTRYSWKVSGMDCAACARKVENAVRQLAGVNQVQ
VLFATEKLVVDADNDIRAQVESAVQKAGYSLRDEQAADEPQASRLKENLPLITLIVMMAISWGLEQFNHPFGQLAFIATT
LVGLYPIARQALRLIKSGSYFAIETLMSVAAIGALFIGATAEAAMVLLLFLIGERLEGWAASRARQGVSALMALKPETAT
RLRNGEREEVAINSLRPGDVIEVAAGGRLPADGKLLSPFASFDESALTGESIPVERATGDKVPAGATSVDRLVTLEVLSE
PGASAIDRILKLIEEAEERRAPIERFIDRFSRIYTPAIMAVALLVTLVPPLLFAASWQEWIYKGLTLLLIGCPCALVIST
PAAITSGLAAAARRGALIKGGAALEQLGRVTQVAFDKTGTLTVGKPRVTAIHPATGISESELLTLAAAVEQGATHPLAQA
IVREAQVAELAIPTAESQRALVGSGIEAQVNGERVLICAAGKHPADAFAGLINELESAGQTVVLVVRNDDVLGIIALQDT
LRADAATAISELNALGVKGVILTGDNPRAAAAIAGELGLEFKAGLLPEDKVKAVTKLNQHAPLAMVGDGINDAPAMKAAA
IGIAMGSGTDVALETADAALTHNHLRGLVQMIELARATHANIRQNITIALGLKGIFLVTTLLGMTGLWLAVLADTGATVL
VTANALRLLRRR
;
_entity_poly.pdbx_strand_id   A
#
# COMPACT_ATOMS: atom_id res chain seq x y z
N LYS A 126 -1.13 -20.45 22.27
CA LYS A 126 -1.12 -19.70 21.03
C LYS A 126 0.17 -19.97 20.22
N GLU A 127 0.02 -20.60 19.06
CA GLU A 127 -1.19 -21.34 18.71
C GLU A 127 -0.80 -22.55 17.84
N ASN A 128 0.31 -22.44 17.13
CA ASN A 128 0.78 -23.55 16.30
C ASN A 128 2.03 -24.23 16.85
N LEU A 129 1.92 -25.52 17.12
CA LEU A 129 3.03 -26.30 17.65
C LEU A 129 3.69 -27.22 16.63
N PRO A 130 3.27 -27.07 15.29
CA PRO A 130 3.85 -28.08 14.39
C PRO A 130 5.37 -28.00 14.30
N LEU A 131 5.91 -26.79 14.21
CA LEU A 131 7.36 -26.60 14.19
C LEU A 131 7.98 -27.06 15.51
N ILE A 132 7.29 -26.75 16.60
CA ILE A 132 7.78 -27.01 17.95
C ILE A 132 8.29 -28.44 18.10
N THR A 133 7.66 -29.38 17.41
CA THR A 133 8.09 -30.77 17.42
C THR A 133 9.48 -30.90 16.82
N LEU A 134 9.73 -30.17 15.73
CA LEU A 134 11.02 -30.22 15.06
C LEU A 134 12.16 -29.72 15.95
N ILE A 135 11.90 -28.70 16.76
CA ILE A 135 12.93 -28.20 17.68
C ILE A 135 13.22 -29.25 18.75
N VAL A 136 12.19 -29.99 19.14
CA VAL A 136 12.31 -30.92 20.25
C VAL A 136 12.82 -32.31 19.82
N MET A 137 12.50 -32.72 18.60
CA MET A 137 13.06 -33.94 18.04
C MET A 137 14.56 -33.78 17.83
N MET A 138 14.94 -32.57 17.45
CA MET A 138 16.33 -32.25 17.22
C MET A 138 17.10 -32.14 18.53
N ALA A 139 16.38 -31.84 19.59
CA ALA A 139 16.97 -31.73 20.92
C ALA A 139 17.13 -33.15 21.46
N ILE A 140 16.06 -33.94 21.34
CA ILE A 140 16.07 -35.32 21.80
C ILE A 140 17.18 -36.12 21.10
N SER A 141 17.39 -35.83 19.81
CA SER A 141 18.45 -36.46 19.03
C SER A 141 19.83 -36.13 19.60
N TRP A 142 20.14 -34.84 19.66
CA TRP A 142 21.41 -34.37 20.22
C TRP A 142 21.73 -35.06 21.56
N GLY A 143 20.72 -35.12 22.42
CA GLY A 143 20.86 -35.72 23.73
C GLY A 143 21.18 -37.20 23.86
N LEU A 144 20.41 -38.05 23.19
CA LEU A 144 20.62 -39.49 23.32
C LEU A 144 21.69 -40.03 22.38
N GLU A 145 22.57 -39.13 21.92
CA GLU A 145 23.72 -39.54 21.12
C GLU A 145 24.99 -39.46 21.96
N GLN A 146 24.91 -38.72 23.07
CA GLN A 146 26.03 -38.64 24.00
C GLN A 146 26.13 -39.96 24.76
N PHE A 147 25.07 -40.75 24.66
CA PHE A 147 25.02 -42.10 25.21
C PHE A 147 23.87 -42.84 24.55
N ASN A 148 24.12 -44.10 24.18
CA ASN A 148 23.27 -44.87 23.26
C ASN A 148 23.46 -44.43 21.80
N HIS A 149 24.69 -44.05 21.48
CA HIS A 149 25.05 -43.42 20.18
C HIS A 149 24.21 -43.77 18.94
N PRO A 150 24.18 -45.06 18.52
CA PRO A 150 23.55 -45.35 17.23
C PRO A 150 22.04 -45.26 17.05
N PHE A 151 21.33 -44.90 18.12
CA PHE A 151 19.93 -44.52 18.01
C PHE A 151 19.75 -42.96 17.98
N GLY A 152 20.87 -42.32 18.34
CA GLY A 152 20.99 -40.88 18.30
C GLY A 152 21.01 -40.53 16.83
N GLN A 153 21.73 -41.34 16.05
CA GLN A 153 21.84 -41.12 14.61
C GLN A 153 20.56 -41.50 13.87
N LEU A 154 19.81 -42.45 14.42
CA LEU A 154 18.50 -42.78 13.89
C LEU A 154 17.55 -41.62 14.19
N ALA A 155 17.65 -41.10 15.42
CA ALA A 155 16.89 -39.91 15.82
C ALA A 155 17.05 -38.73 14.85
N PHE A 156 18.27 -38.44 14.47
CA PHE A 156 18.56 -37.41 13.49
C PHE A 156 18.00 -37.74 12.13
N ILE A 157 18.19 -38.97 11.71
CA ILE A 157 17.63 -39.37 10.40
C ILE A 157 16.17 -38.95 10.41
N ALA A 158 15.46 -39.34 11.48
CA ALA A 158 14.05 -39.00 11.63
C ALA A 158 13.83 -37.49 11.56
N THR A 159 14.45 -36.73 12.46
CA THR A 159 14.21 -35.30 12.52
C THR A 159 14.60 -34.57 11.22
N THR A 160 15.68 -35.02 10.59
CA THR A 160 16.10 -34.50 9.29
C THR A 160 15.01 -34.72 8.26
N LEU A 161 14.52 -35.95 8.21
CA LEU A 161 13.48 -36.34 7.28
C LEU A 161 12.21 -35.51 7.47
N VAL A 162 11.80 -35.39 8.73
CA VAL A 162 10.54 -34.71 9.03
C VAL A 162 10.64 -33.21 8.79
N GLY A 163 11.84 -32.65 8.92
CA GLY A 163 12.04 -31.28 8.51
C GLY A 163 11.98 -31.18 7.00
N LEU A 164 12.50 -32.22 6.34
CA LEU A 164 12.64 -32.24 4.89
C LEU A 164 11.32 -32.37 4.15
N TYR A 165 10.30 -32.94 4.78
CA TYR A 165 9.10 -33.25 4.04
C TYR A 165 8.37 -32.08 3.43
N PRO A 166 8.18 -30.99 4.13
CA PRO A 166 7.55 -29.84 3.46
C PRO A 166 8.49 -29.16 2.46
N ILE A 167 9.79 -29.19 2.71
CA ILE A 167 10.77 -28.53 1.85
C ILE A 167 10.92 -29.27 0.53
N ALA A 168 11.28 -30.55 0.63
CA ALA A 168 11.54 -31.40 -0.53
C ALA A 168 10.32 -31.49 -1.43
N ARG A 169 9.14 -31.48 -0.82
CA ARG A 169 7.89 -31.51 -1.55
C ARG A 169 7.49 -30.28 -2.37
N GLN A 170 7.65 -29.09 -1.80
CA GLN A 170 7.41 -27.90 -2.58
C GLN A 170 8.42 -27.85 -3.70
N ALA A 171 9.67 -28.15 -3.36
CA ALA A 171 10.72 -28.16 -4.38
C ALA A 171 10.23 -28.90 -5.62
N LEU A 172 9.73 -30.11 -5.42
CA LEU A 172 9.15 -30.90 -6.50
C LEU A 172 7.98 -30.24 -7.22
N ARG A 173 7.17 -29.49 -6.48
CA ARG A 173 6.04 -28.78 -7.08
C ARG A 173 6.50 -27.65 -7.99
N LEU A 174 7.39 -26.82 -7.47
CA LEU A 174 7.96 -25.72 -8.25
C LEU A 174 8.65 -26.34 -9.46
N ILE A 175 9.36 -27.44 -9.20
CA ILE A 175 9.98 -28.21 -10.27
C ILE A 175 9.00 -28.56 -11.39
N LYS A 176 7.85 -29.10 -11.03
CA LYS A 176 6.85 -29.52 -12.02
C LYS A 176 6.28 -28.35 -12.81
N SER A 177 6.27 -27.18 -12.17
CA SER A 177 5.75 -25.98 -12.81
C SER A 177 6.91 -25.17 -13.42
N GLY A 178 7.85 -25.87 -14.04
CA GLY A 178 8.92 -25.23 -14.78
C GLY A 178 10.03 -24.59 -13.96
N SER A 179 9.73 -24.27 -12.70
CA SER A 179 10.69 -23.59 -11.84
C SER A 179 11.56 -24.57 -11.05
N TYR A 180 12.73 -24.89 -11.59
CA TYR A 180 13.70 -25.65 -10.84
C TYR A 180 14.67 -24.66 -10.22
N PHE A 181 15.74 -25.19 -9.63
CA PHE A 181 16.79 -24.38 -9.02
C PHE A 181 16.24 -23.23 -8.19
N ALA A 182 15.24 -23.54 -7.38
CA ALA A 182 14.52 -22.56 -6.62
C ALA A 182 14.93 -22.46 -5.18
N ILE A 183 16.02 -23.07 -4.82
CA ILE A 183 16.33 -23.27 -3.40
C ILE A 183 15.65 -24.54 -2.88
N GLU A 184 14.49 -24.43 -2.23
CA GLU A 184 14.06 -25.75 -1.76
C GLU A 184 14.74 -26.83 -2.59
N THR A 185 15.11 -26.50 -3.83
CA THR A 185 15.93 -27.39 -4.66
C THR A 185 17.31 -27.53 -4.03
N LEU A 186 17.90 -26.38 -3.66
CA LEU A 186 19.23 -26.37 -3.08
C LEU A 186 19.30 -27.24 -1.84
N MET A 187 18.46 -26.94 -0.86
CA MET A 187 18.51 -27.69 0.39
C MET A 187 17.92 -29.08 0.31
N SER A 188 17.01 -29.34 -0.62
CA SER A 188 16.55 -30.72 -0.80
C SER A 188 17.74 -31.56 -1.23
N VAL A 189 18.44 -31.08 -2.25
CA VAL A 189 19.62 -31.77 -2.76
C VAL A 189 20.75 -31.86 -1.73
N ALA A 190 20.96 -30.78 -0.99
CA ALA A 190 22.02 -30.73 0.02
C ALA A 190 21.75 -31.65 1.20
N ALA A 191 20.50 -31.64 1.68
CA ALA A 191 20.07 -32.54 2.73
C ALA A 191 20.24 -33.96 2.27
N ILE A 192 19.48 -34.34 1.22
CA ILE A 192 19.56 -35.65 0.61
C ILE A 192 21.02 -36.10 0.45
N GLY A 193 21.90 -35.16 0.16
CA GLY A 193 23.33 -35.40 0.16
C GLY A 193 23.83 -36.01 1.46
N ALA A 194 23.98 -35.17 2.48
CA ALA A 194 24.56 -35.61 3.75
C ALA A 194 23.64 -36.50 4.58
N LEU A 195 22.37 -36.49 4.19
CA LEU A 195 21.32 -37.39 4.70
C LEU A 195 21.78 -38.80 5.09
N PHE A 196 22.91 -39.23 4.53
CA PHE A 196 23.42 -40.57 4.77
C PHE A 196 24.95 -40.67 4.81
N ILE A 197 25.64 -39.64 4.34
CA ILE A 197 27.11 -39.64 4.33
C ILE A 197 27.68 -39.41 5.73
N GLY A 198 26.80 -39.37 6.73
CA GLY A 198 27.21 -39.15 8.11
C GLY A 198 26.60 -37.89 8.69
N ALA A 199 26.72 -36.79 7.96
CA ALA A 199 26.27 -35.49 8.45
C ALA A 199 24.74 -35.35 8.45
N THR A 200 24.10 -35.77 9.53
CA THR A 200 22.66 -35.64 9.65
C THR A 200 22.30 -34.36 10.40
N ALA A 201 22.80 -34.22 11.62
CA ALA A 201 22.56 -33.04 12.45
C ALA A 201 22.82 -31.76 11.67
N GLU A 202 23.90 -31.76 10.90
CA GLU A 202 24.29 -30.61 10.09
C GLU A 202 23.16 -30.24 9.13
N ALA A 203 22.83 -31.19 8.26
CA ALA A 203 21.72 -31.04 7.33
C ALA A 203 20.41 -30.78 8.06
N ALA A 204 20.17 -31.53 9.13
CA ALA A 204 19.01 -31.30 9.98
C ALA A 204 18.96 -29.85 10.44
N MET A 205 20.13 -29.31 10.78
CA MET A 205 20.23 -27.98 11.35
C MET A 205 19.90 -26.90 10.29
N VAL A 206 20.53 -26.96 9.09
CA VAL A 206 20.21 -25.99 8.03
C VAL A 206 18.74 -26.05 7.58
N LEU A 207 18.23 -27.27 7.44
CA LEU A 207 16.83 -27.50 7.15
C LEU A 207 16.01 -26.84 8.27
N LEU A 208 16.40 -27.13 9.53
CA LEU A 208 15.66 -26.56 10.67
C LEU A 208 15.64 -25.01 10.68
N LEU A 209 16.82 -24.39 10.76
CA LEU A 209 16.91 -22.94 10.58
C LEU A 209 16.08 -22.33 9.46
N PHE A 210 16.16 -22.90 8.26
CA PHE A 210 15.30 -22.42 7.16
C PHE A 210 13.82 -22.35 7.55
N LEU A 211 13.22 -23.49 7.88
CA LEU A 211 11.78 -23.44 8.17
C LEU A 211 11.42 -22.60 9.42
N ILE A 212 12.43 -22.20 10.19
CA ILE A 212 12.19 -21.27 11.29
C ILE A 212 12.15 -19.83 10.76
N GLY A 213 13.24 -19.41 10.13
CA GLY A 213 13.31 -18.06 9.59
C GLY A 213 12.14 -17.76 8.69
N GLU A 214 11.72 -18.79 7.95
CA GLU A 214 10.53 -18.66 7.10
C GLU A 214 9.30 -18.33 7.91
N ARG A 215 9.09 -19.08 8.99
CA ARG A 215 7.94 -18.87 9.88
C ARG A 215 7.98 -17.49 10.54
N LEU A 216 9.19 -17.01 10.82
CA LEU A 216 9.40 -15.67 11.35
C LEU A 216 8.82 -14.66 10.38
N GLU A 217 9.39 -14.65 9.17
CA GLU A 217 8.99 -13.71 8.12
C GLU A 217 7.50 -13.77 7.82
N GLY A 218 6.93 -14.97 7.81
CA GLY A 218 5.51 -15.12 7.57
C GLY A 218 4.72 -14.49 8.72
N TRP A 219 5.29 -14.51 9.91
CA TRP A 219 4.64 -13.94 11.08
C TRP A 219 4.71 -12.41 11.10
N ALA A 220 5.70 -11.85 10.42
CA ALA A 220 5.77 -10.40 10.27
C ALA A 220 4.77 -9.89 9.25
N ALA A 221 4.69 -10.58 8.11
CA ALA A 221 3.76 -10.22 7.06
C ALA A 221 2.31 -10.41 7.53
N SER A 222 2.11 -11.34 8.45
CA SER A 222 0.78 -11.58 8.99
C SER A 222 0.35 -10.39 9.84
N ARG A 223 1.27 -9.87 10.64
CA ARG A 223 0.99 -8.71 11.48
C ARG A 223 0.72 -7.50 10.61
N ALA A 224 1.62 -7.28 9.66
CA ALA A 224 1.54 -6.13 8.78
C ALA A 224 0.21 -6.10 8.03
N ARG A 225 -0.29 -7.26 7.64
CA ARG A 225 -1.54 -7.32 6.88
C ARG A 225 -2.77 -6.93 7.68
N GLN A 226 -2.97 -7.60 8.82
CA GLN A 226 -4.10 -7.30 9.68
C GLN A 226 -3.97 -5.92 10.34
N GLY A 227 -2.73 -5.44 10.44
CA GLY A 227 -2.47 -4.09 10.92
C GLY A 227 -3.15 -3.14 9.94
N VAL A 228 -3.01 -3.42 8.65
CA VAL A 228 -3.72 -2.69 7.61
C VAL A 228 -5.21 -2.98 7.71
N SER A 229 -5.54 -4.24 7.98
CA SER A 229 -6.94 -4.64 8.13
C SER A 229 -7.65 -3.86 9.25
N ALA A 230 -6.86 -3.22 10.11
CA ALA A 230 -7.39 -2.42 11.21
C ALA A 230 -7.92 -1.10 10.69
N LEU A 231 -7.25 -0.55 9.68
CA LEU A 231 -7.60 0.76 9.15
C LEU A 231 -8.95 0.70 8.45
N MET A 232 -9.26 -0.48 7.92
CA MET A 232 -10.54 -0.71 7.24
C MET A 232 -11.65 -0.33 8.18
N ALA A 233 -12.43 0.67 7.79
CA ALA A 233 -13.51 1.15 8.63
C ALA A 233 -14.81 0.45 8.23
N LEU A 234 -14.69 -0.87 8.08
CA LEU A 234 -15.74 -1.79 7.61
C LEU A 234 -17.11 -1.25 7.19
N LYS A 235 -17.41 -1.41 5.90
CA LYS A 235 -18.72 -1.08 5.33
C LYS A 235 -19.84 -1.69 6.15
N PRO A 236 -20.97 -0.99 6.26
CA PRO A 236 -22.09 -1.49 7.07
C PRO A 236 -23.06 -2.24 6.17
N GLU A 237 -23.04 -1.93 4.86
CA GLU A 237 -24.06 -2.40 3.92
C GLU A 237 -25.47 -1.98 4.32
N THR A 238 -26.46 -2.38 3.53
CA THR A 238 -27.88 -2.08 3.76
C THR A 238 -28.30 -0.70 3.22
N ALA A 239 -29.52 -0.65 2.69
CA ALA A 239 -30.09 0.55 2.11
C ALA A 239 -31.43 0.85 2.79
N THR A 240 -32.05 1.96 2.43
CA THR A 240 -33.37 2.29 2.99
C THR A 240 -34.32 2.59 1.86
N ARG A 241 -35.08 1.58 1.45
CA ARG A 241 -35.94 1.70 0.28
C ARG A 241 -37.29 2.27 0.67
N LEU A 242 -37.72 3.26 -0.08
CA LEU A 242 -39.01 3.88 0.16
C LEU A 242 -40.03 3.32 -0.81
N ARG A 243 -40.84 2.41 -0.32
CA ARG A 243 -41.91 1.84 -1.14
C ARG A 243 -43.24 2.56 -0.90
N ASN A 244 -44.24 1.85 -0.41
CA ASN A 244 -45.58 2.39 -0.33
C ASN A 244 -45.72 3.54 0.67
N GLY A 245 -44.82 4.51 0.60
CA GLY A 245 -44.85 5.64 1.51
C GLY A 245 -44.14 5.35 2.81
N GLU A 246 -43.66 4.11 2.96
CA GLU A 246 -42.99 3.68 4.17
C GLU A 246 -41.59 3.19 3.86
N ARG A 247 -40.68 3.33 4.82
CA ARG A 247 -39.29 2.95 4.61
C ARG A 247 -38.98 1.59 5.18
N GLU A 248 -38.20 0.81 4.44
CA GLU A 248 -37.73 -0.48 4.92
C GLU A 248 -36.22 -0.62 4.72
N GLU A 249 -35.58 -1.33 5.63
CA GLU A 249 -34.14 -1.50 5.58
C GLU A 249 -33.76 -2.77 4.81
N VAL A 250 -33.97 -2.74 3.49
CA VAL A 250 -33.66 -3.86 2.64
C VAL A 250 -32.16 -4.10 2.70
N ALA A 251 -31.71 -5.26 2.23
CA ALA A 251 -30.30 -5.53 1.96
C ALA A 251 -29.96 -4.98 0.59
N ILE A 252 -28.76 -4.38 0.47
CA ILE A 252 -28.29 -3.75 -0.76
C ILE A 252 -28.65 -4.55 -2.01
N ASN A 253 -28.41 -5.86 -1.95
CA ASN A 253 -28.68 -6.76 -3.07
C ASN A 253 -30.16 -7.00 -3.37
N SER A 254 -31.05 -6.51 -2.51
CA SER A 254 -32.48 -6.67 -2.75
C SER A 254 -33.06 -5.48 -3.50
N LEU A 255 -32.18 -4.71 -4.14
CA LEU A 255 -32.59 -3.54 -4.88
C LEU A 255 -32.74 -3.80 -6.37
N ARG A 256 -33.83 -3.30 -6.94
CA ARG A 256 -34.07 -3.40 -8.36
C ARG A 256 -34.06 -2.00 -8.92
N PRO A 257 -33.64 -1.85 -10.18
CA PRO A 257 -33.81 -0.55 -10.83
C PRO A 257 -35.26 -0.08 -10.77
N GLY A 258 -35.46 1.22 -10.62
CA GLY A 258 -36.78 1.78 -10.47
C GLY A 258 -37.17 1.94 -9.01
N ASP A 259 -36.56 1.14 -8.14
CA ASP A 259 -36.73 1.26 -6.69
C ASP A 259 -36.38 2.66 -6.25
N VAL A 260 -37.17 3.23 -5.35
CA VAL A 260 -36.86 4.54 -4.79
C VAL A 260 -36.12 4.39 -3.47
N ILE A 261 -34.96 5.04 -3.39
CA ILE A 261 -34.10 4.87 -2.24
C ILE A 261 -33.86 6.23 -1.57
N GLU A 262 -33.71 6.23 -0.26
CA GLU A 262 -33.37 7.44 0.48
C GLU A 262 -31.95 7.32 1.04
N VAL A 263 -31.16 8.37 0.88
CA VAL A 263 -29.84 8.45 1.49
C VAL A 263 -29.74 9.70 2.37
N ALA A 264 -29.33 9.49 3.61
CA ALA A 264 -29.25 10.57 4.59
C ALA A 264 -27.88 11.23 4.55
N ALA A 265 -27.88 12.54 4.80
CA ALA A 265 -26.68 13.37 4.80
C ALA A 265 -25.50 12.70 5.52
N GLY A 266 -24.37 12.63 4.84
CA GLY A 266 -23.20 11.96 5.37
C GLY A 266 -23.16 10.48 5.06
N GLY A 267 -24.17 9.99 4.35
CA GLY A 267 -24.25 8.58 3.99
C GLY A 267 -23.91 8.34 2.54
N ARG A 268 -23.18 7.26 2.28
CA ARG A 268 -22.78 6.90 0.92
C ARG A 268 -23.90 6.18 0.20
N LEU A 269 -23.89 6.24 -1.13
CA LEU A 269 -24.90 5.58 -1.95
C LEU A 269 -24.63 4.09 -2.07
N PRO A 270 -25.68 3.28 -1.96
CA PRO A 270 -25.57 1.83 -2.06
C PRO A 270 -25.68 1.34 -3.50
N ALA A 271 -26.01 2.25 -4.42
CA ALA A 271 -26.18 1.93 -5.83
C ALA A 271 -26.11 3.21 -6.66
N ASP A 272 -26.01 3.06 -7.98
CA ASP A 272 -26.11 4.22 -8.88
C ASP A 272 -27.56 4.66 -8.87
N GLY A 273 -27.80 5.93 -8.56
CA GLY A 273 -29.15 6.45 -8.49
C GLY A 273 -29.36 7.68 -9.35
N LYS A 274 -30.59 7.84 -9.83
CA LYS A 274 -31.01 9.05 -10.53
C LYS A 274 -31.62 9.97 -9.48
N LEU A 275 -31.06 11.17 -9.34
CA LEU A 275 -31.54 12.10 -8.33
C LEU A 275 -33.01 12.45 -8.55
N LEU A 276 -33.83 12.27 -7.51
CA LEU A 276 -35.26 12.56 -7.63
C LEU A 276 -35.61 13.87 -6.95
N SER A 277 -34.84 14.21 -5.93
CA SER A 277 -35.08 15.44 -5.19
C SER A 277 -34.63 16.62 -6.02
N PRO A 278 -35.16 17.83 -5.74
CA PRO A 278 -34.81 19.10 -6.38
C PRO A 278 -33.31 19.29 -6.62
N PHE A 279 -32.58 19.61 -5.57
CA PHE A 279 -31.13 19.83 -5.63
C PHE A 279 -30.39 19.01 -4.59
N ALA A 280 -29.13 18.68 -4.87
CA ALA A 280 -28.33 17.92 -3.92
C ALA A 280 -26.87 18.01 -4.26
N SER A 281 -26.00 18.04 -3.25
CA SER A 281 -24.55 18.03 -3.53
C SER A 281 -23.85 16.80 -2.95
N PHE A 282 -22.87 16.29 -3.67
CA PHE A 282 -22.23 15.00 -3.34
C PHE A 282 -20.70 15.06 -3.23
N ASP A 283 -20.14 14.24 -2.35
CA ASP A 283 -18.69 14.05 -2.29
C ASP A 283 -18.33 12.73 -2.92
N GLU A 284 -18.13 12.75 -4.23
CA GLU A 284 -17.80 11.55 -4.96
C GLU A 284 -16.34 11.60 -5.33
N SER A 285 -15.53 12.06 -4.38
CA SER A 285 -14.10 12.19 -4.58
C SER A 285 -13.47 10.81 -4.51
N ALA A 286 -14.11 9.91 -3.77
CA ALA A 286 -13.62 8.53 -3.65
C ALA A 286 -13.69 7.79 -4.98
N LEU A 287 -14.53 8.30 -5.89
CA LEU A 287 -14.72 7.68 -7.19
C LEU A 287 -14.01 8.44 -8.31
N THR A 288 -14.27 9.74 -8.40
CA THR A 288 -13.80 10.56 -9.50
C THR A 288 -12.53 11.36 -9.19
N GLY A 289 -12.18 11.48 -7.91
CA GLY A 289 -11.03 12.26 -7.53
C GLY A 289 -11.32 13.75 -7.52
N GLU A 290 -12.58 14.12 -7.75
CA GLU A 290 -13.01 15.52 -7.70
C GLU A 290 -12.69 16.14 -6.35
N SER A 291 -12.16 17.35 -6.39
CA SER A 291 -11.71 18.01 -5.17
C SER A 291 -12.86 18.65 -4.40
N ILE A 292 -13.89 19.07 -5.13
CA ILE A 292 -15.02 19.77 -4.54
C ILE A 292 -16.33 19.00 -4.79
N PRO A 293 -17.21 18.98 -3.77
CA PRO A 293 -18.59 18.50 -3.88
C PRO A 293 -19.27 18.89 -5.19
N VAL A 294 -20.12 18.01 -5.70
CA VAL A 294 -20.77 18.21 -6.99
C VAL A 294 -22.24 18.57 -6.81
N GLU A 295 -22.66 19.68 -7.41
CA GLU A 295 -24.05 20.11 -7.31
C GLU A 295 -24.90 19.48 -8.40
N ARG A 296 -25.60 18.41 -8.05
CA ARG A 296 -26.49 17.72 -8.97
C ARG A 296 -27.96 18.10 -8.85
N ALA A 297 -28.67 18.02 -9.98
CA ALA A 297 -30.08 18.39 -10.06
C ALA A 297 -30.95 17.20 -10.44
N THR A 298 -32.26 17.41 -10.40
CA THR A 298 -33.23 16.37 -10.67
C THR A 298 -32.89 15.60 -11.95
N GLY A 299 -32.90 14.27 -11.85
CA GLY A 299 -32.68 13.42 -13.00
C GLY A 299 -31.21 13.18 -13.32
N ASP A 300 -30.32 13.86 -12.62
CA ASP A 300 -28.89 13.63 -12.78
C ASP A 300 -28.47 12.27 -12.25
N LYS A 301 -27.41 11.71 -12.83
CA LYS A 301 -26.89 10.41 -12.39
C LYS A 301 -25.82 10.58 -11.32
N VAL A 302 -25.92 9.79 -10.26
CA VAL A 302 -24.95 9.79 -9.16
C VAL A 302 -24.53 8.35 -8.91
N PRO A 303 -23.22 8.09 -8.85
CA PRO A 303 -22.72 6.72 -8.73
C PRO A 303 -22.71 6.17 -7.32
N ALA A 304 -22.69 4.85 -7.21
CA ALA A 304 -22.67 4.16 -5.92
C ALA A 304 -21.42 4.50 -5.15
N GLY A 305 -21.51 4.41 -3.83
CA GLY A 305 -20.37 4.69 -2.97
C GLY A 305 -20.04 6.16 -2.90
N ALA A 306 -20.50 6.79 -1.83
CA ALA A 306 -20.22 8.19 -1.53
C ALA A 306 -20.91 9.19 -2.44
N THR A 307 -21.44 10.30 -1.88
CA THR A 307 -21.71 10.57 -0.46
C THR A 307 -22.56 11.82 -0.47
N SER A 308 -23.71 11.80 0.20
CA SER A 308 -24.51 13.00 0.37
C SER A 308 -23.88 13.86 1.46
N VAL A 309 -23.54 15.11 1.14
CA VAL A 309 -22.75 15.93 2.07
C VAL A 309 -23.59 16.79 3.02
N ASP A 310 -24.68 17.35 2.49
CA ASP A 310 -25.71 17.95 3.33
C ASP A 310 -27.00 17.50 2.66
N ARG A 311 -28.12 17.64 3.35
CA ARG A 311 -29.42 17.29 2.75
C ARG A 311 -29.74 15.82 2.63
N LEU A 312 -30.98 15.43 2.96
CA LEU A 312 -31.40 14.05 2.82
C LEU A 312 -31.86 13.99 1.37
N VAL A 313 -31.27 13.09 0.61
CA VAL A 313 -31.59 12.97 -0.80
C VAL A 313 -32.47 11.75 -1.07
N THR A 314 -33.28 11.82 -2.11
CA THR A 314 -33.97 10.63 -2.57
C THR A 314 -33.67 10.36 -4.06
N LEU A 315 -33.16 9.16 -4.30
CA LEU A 315 -32.73 8.72 -5.61
C LEU A 315 -33.70 7.67 -6.10
N GLU A 316 -33.53 7.29 -7.37
CA GLU A 316 -34.20 6.12 -7.94
C GLU A 316 -33.11 5.21 -8.49
N VAL A 317 -33.07 3.97 -8.01
CA VAL A 317 -31.99 3.05 -8.39
C VAL A 317 -31.91 2.79 -9.90
N LEU A 318 -30.68 2.84 -10.42
CA LEU A 318 -30.41 2.53 -11.81
C LEU A 318 -29.54 1.28 -11.87
N SER A 319 -28.57 1.21 -10.98
CA SER A 319 -27.66 0.08 -10.92
C SER A 319 -28.36 -1.21 -10.52
N GLU A 320 -27.94 -2.30 -11.16
CA GLU A 320 -28.43 -3.65 -10.84
C GLU A 320 -27.26 -4.31 -10.05
N PRO A 321 -27.52 -5.32 -9.20
CA PRO A 321 -26.56 -5.58 -8.12
C PRO A 321 -25.05 -5.55 -8.36
N GLY A 322 -24.54 -6.57 -9.02
CA GLY A 322 -23.12 -6.62 -9.25
C GLY A 322 -22.66 -5.63 -10.31
N ALA A 323 -23.47 -4.62 -10.60
CA ALA A 323 -23.20 -3.73 -11.72
C ALA A 323 -23.19 -2.25 -11.39
N SER A 324 -22.81 -1.90 -10.17
CA SER A 324 -22.73 -0.50 -9.76
C SER A 324 -21.37 0.05 -10.17
N ALA A 325 -21.22 1.37 -10.06
CA ALA A 325 -19.96 2.04 -10.40
C ALA A 325 -18.76 1.45 -9.66
N ILE A 326 -18.97 1.07 -8.41
CA ILE A 326 -17.92 0.47 -7.63
C ILE A 326 -17.57 -0.90 -8.15
N ASP A 327 -18.56 -1.68 -8.56
CA ASP A 327 -18.29 -2.98 -9.17
C ASP A 327 -17.52 -2.89 -10.48
N ARG A 328 -17.97 -1.98 -11.35
CA ARG A 328 -17.33 -1.75 -12.64
C ARG A 328 -15.86 -1.40 -12.49
N ILE A 329 -15.57 -0.60 -11.45
CA ILE A 329 -14.18 -0.27 -11.13
C ILE A 329 -13.50 -1.52 -10.57
N LEU A 330 -14.26 -2.27 -9.78
CA LEU A 330 -13.78 -3.45 -9.09
C LEU A 330 -13.15 -4.57 -9.94
N LYS A 331 -13.75 -4.86 -11.09
CA LYS A 331 -13.19 -5.87 -11.99
C LYS A 331 -11.86 -5.47 -12.67
N LEU A 332 -11.66 -4.16 -12.78
CA LEU A 332 -10.46 -3.59 -13.38
C LEU A 332 -9.31 -3.94 -12.47
N ILE A 333 -9.60 -4.04 -11.17
CA ILE A 333 -8.57 -4.37 -10.20
C ILE A 333 -8.07 -5.79 -10.44
N GLU A 334 -8.99 -6.75 -10.37
CA GLU A 334 -8.62 -8.15 -10.53
C GLU A 334 -8.30 -8.49 -11.98
N GLU A 335 -8.67 -7.60 -12.89
CA GLU A 335 -8.32 -7.76 -14.29
C GLU A 335 -6.86 -7.37 -14.44
N ALA A 336 -6.48 -6.26 -13.80
CA ALA A 336 -5.09 -5.83 -13.76
C ALA A 336 -4.27 -6.86 -12.97
N GLU A 337 -4.97 -7.63 -12.16
CA GLU A 337 -4.36 -8.74 -11.41
C GLU A 337 -4.10 -9.91 -12.37
N GLU A 338 -5.10 -10.24 -13.18
CA GLU A 338 -4.97 -11.27 -14.20
C GLU A 338 -4.06 -10.80 -15.33
N ARG A 339 -2.92 -10.22 -14.95
CA ARG A 339 -2.03 -9.56 -15.88
C ARG A 339 -0.72 -9.33 -15.15
N ARG A 340 -0.75 -9.57 -13.84
CA ARG A 340 0.41 -9.34 -12.99
C ARG A 340 1.50 -10.37 -13.25
N ALA A 341 2.75 -9.91 -13.17
CA ALA A 341 3.89 -10.80 -13.27
C ALA A 341 4.11 -11.41 -11.90
N PRO A 342 4.39 -12.72 -11.86
CA PRO A 342 4.76 -13.39 -10.60
C PRO A 342 6.00 -12.72 -10.02
N ILE A 343 6.18 -12.82 -8.70
CA ILE A 343 7.29 -12.16 -8.03
C ILE A 343 8.50 -13.05 -7.75
N GLU A 344 9.56 -12.86 -8.53
CA GLU A 344 10.82 -13.53 -8.22
C GLU A 344 11.45 -12.86 -7.01
N ARG A 345 11.61 -13.63 -5.94
CA ARG A 345 12.27 -13.18 -4.74
C ARG A 345 13.77 -13.02 -4.97
N PHE A 346 14.43 -12.21 -4.15
CA PHE A 346 15.87 -12.05 -4.21
C PHE A 346 16.55 -13.41 -4.15
N ILE A 347 15.99 -14.33 -3.37
CA ILE A 347 16.65 -15.59 -3.10
C ILE A 347 16.35 -16.71 -4.10
N ASP A 348 15.13 -16.74 -4.62
CA ASP A 348 14.80 -17.70 -5.67
C ASP A 348 15.60 -17.30 -6.91
N ARG A 349 15.76 -15.99 -7.07
CA ARG A 349 16.54 -15.42 -8.15
C ARG A 349 18.04 -15.59 -7.92
N PHE A 350 18.45 -15.69 -6.66
CA PHE A 350 19.86 -15.88 -6.35
C PHE A 350 20.27 -17.33 -6.55
N SER A 351 19.49 -18.24 -5.99
CA SER A 351 19.77 -19.65 -6.09
C SER A 351 19.53 -20.13 -7.51
N ARG A 352 18.73 -19.37 -8.27
CA ARG A 352 18.58 -19.64 -9.70
C ARG A 352 19.94 -19.66 -10.40
N ILE A 353 20.89 -18.93 -9.84
CA ILE A 353 22.26 -18.93 -10.36
C ILE A 353 23.18 -19.80 -9.50
N TYR A 354 23.20 -19.54 -8.20
CA TYR A 354 24.16 -20.22 -7.31
C TYR A 354 23.94 -21.72 -7.20
N THR A 355 22.69 -22.16 -7.14
CA THR A 355 22.41 -23.58 -6.97
C THR A 355 23.00 -24.46 -8.08
N PRO A 356 22.69 -24.16 -9.36
CA PRO A 356 23.33 -25.00 -10.38
C PRO A 356 24.84 -24.77 -10.45
N ALA A 357 25.31 -23.61 -10.00
CA ALA A 357 26.74 -23.37 -9.91
C ALA A 357 27.40 -24.46 -9.07
N ILE A 358 27.17 -24.44 -7.75
CA ILE A 358 27.76 -25.45 -6.86
C ILE A 358 27.39 -26.88 -7.26
N MET A 359 26.16 -27.10 -7.71
CA MET A 359 25.75 -28.44 -8.13
C MET A 359 26.61 -28.96 -9.28
N ALA A 360 26.94 -28.07 -10.21
CA ALA A 360 27.78 -28.43 -11.35
C ALA A 360 29.22 -28.72 -10.91
N VAL A 361 29.79 -27.87 -10.06
CA VAL A 361 31.15 -28.14 -9.57
C VAL A 361 31.19 -29.38 -8.70
N ALA A 362 30.24 -29.51 -7.77
CA ALA A 362 30.18 -30.66 -6.86
C ALA A 362 30.21 -31.98 -7.64
N LEU A 363 29.38 -32.06 -8.67
CA LEU A 363 29.36 -33.23 -9.54
C LEU A 363 30.74 -33.44 -10.17
N LEU A 364 31.36 -32.37 -10.65
CA LEU A 364 32.64 -32.50 -11.32
C LEU A 364 33.79 -32.81 -10.37
N VAL A 365 33.70 -32.37 -9.12
CA VAL A 365 34.73 -32.73 -8.15
C VAL A 365 34.59 -34.20 -7.74
N THR A 366 33.44 -34.79 -8.08
CA THR A 366 33.20 -36.21 -7.86
C THR A 366 33.69 -37.03 -9.04
N LEU A 367 33.46 -36.52 -10.24
CA LEU A 367 33.77 -37.26 -11.46
C LEU A 367 35.24 -37.25 -11.84
N VAL A 368 35.83 -36.06 -11.89
CA VAL A 368 37.19 -35.88 -12.39
C VAL A 368 38.30 -36.76 -11.77
N PRO A 369 38.37 -36.84 -10.43
CA PRO A 369 39.52 -37.57 -9.86
C PRO A 369 39.63 -39.07 -10.20
N PRO A 370 38.53 -39.85 -10.15
CA PRO A 370 38.69 -41.23 -10.65
C PRO A 370 39.11 -41.29 -12.12
N LEU A 371 38.44 -40.55 -12.99
CA LEU A 371 38.72 -40.54 -14.43
C LEU A 371 40.20 -40.33 -14.77
N LEU A 372 40.77 -39.32 -14.20
CA LEU A 372 42.16 -39.09 -14.36
C LEU A 372 42.51 -39.58 -13.00
N PHE A 373 43.77 -39.82 -12.73
CA PHE A 373 44.19 -40.09 -11.37
C PHE A 373 43.92 -41.47 -10.89
N ALA A 374 42.87 -42.09 -11.40
CA ALA A 374 42.42 -43.36 -10.86
C ALA A 374 42.24 -43.19 -9.37
N ALA A 375 41.08 -42.67 -8.97
CA ALA A 375 40.79 -42.48 -7.57
C ALA A 375 39.39 -42.90 -7.25
N SER A 376 39.26 -43.41 -6.04
CA SER A 376 38.11 -44.15 -5.61
C SER A 376 36.85 -43.37 -5.87
N TRP A 377 36.17 -43.55 -7.00
CA TRP A 377 34.86 -42.91 -6.94
C TRP A 377 34.29 -42.72 -5.51
N GLN A 378 34.71 -43.60 -4.62
CA GLN A 378 34.23 -43.59 -3.23
C GLN A 378 34.58 -42.23 -2.59
N GLU A 379 35.87 -41.98 -2.44
CA GLU A 379 36.35 -40.83 -1.72
C GLU A 379 36.05 -39.55 -2.44
N TRP A 380 35.43 -39.63 -3.62
CA TRP A 380 35.13 -38.42 -4.35
C TRP A 380 33.64 -38.26 -4.55
N ILE A 381 32.93 -39.34 -4.37
CA ILE A 381 31.49 -39.30 -4.17
C ILE A 381 31.24 -38.59 -2.85
N TYR A 382 31.93 -39.06 -1.81
CA TYR A 382 31.80 -38.46 -0.49
C TYR A 382 32.20 -36.98 -0.52
N LYS A 383 33.38 -36.70 -1.07
CA LYS A 383 33.85 -35.32 -1.18
C LYS A 383 32.92 -34.40 -1.99
N GLY A 384 32.38 -34.93 -3.09
CA GLY A 384 31.44 -34.16 -3.89
C GLY A 384 30.18 -33.78 -3.13
N LEU A 385 29.48 -34.78 -2.60
CA LEU A 385 28.26 -34.50 -1.83
C LEU A 385 28.52 -33.60 -0.60
N THR A 386 29.67 -33.82 0.04
CA THR A 386 30.13 -32.97 1.14
C THR A 386 30.22 -31.50 0.70
N LEU A 387 30.91 -31.26 -0.41
CA LEU A 387 31.03 -29.90 -0.93
C LEU A 387 29.67 -29.29 -1.21
N LEU A 388 28.79 -30.08 -1.81
CA LEU A 388 27.42 -29.64 -2.07
C LEU A 388 26.74 -29.16 -0.78
N LEU A 389 26.77 -29.97 0.28
CA LEU A 389 26.13 -29.57 1.53
C LEU A 389 26.78 -28.34 2.18
N ILE A 390 28.10 -28.37 2.35
CA ILE A 390 28.84 -27.25 2.94
C ILE A 390 28.60 -25.97 2.13
N GLY A 391 28.15 -26.13 0.88
CA GLY A 391 27.74 -25.01 0.06
C GLY A 391 26.39 -24.44 0.47
N CYS A 392 25.76 -25.06 1.48
CA CYS A 392 24.51 -24.55 2.02
C CYS A 392 24.53 -24.47 3.56
N PRO A 393 25.26 -23.48 4.11
CA PRO A 393 25.31 -23.27 5.58
C PRO A 393 23.96 -22.84 6.14
N CYS A 394 23.79 -22.95 7.47
CA CYS A 394 22.54 -22.59 8.14
C CYS A 394 22.20 -21.11 7.90
N ALA A 395 23.25 -20.30 7.87
CA ALA A 395 23.12 -18.90 7.53
C ALA A 395 22.64 -18.75 6.09
N LEU A 396 22.78 -17.56 5.52
CA LEU A 396 22.28 -17.32 4.17
C LEU A 396 20.86 -17.86 3.94
N VAL A 397 20.68 -19.15 4.21
CA VAL A 397 19.35 -19.74 4.24
C VAL A 397 18.59 -18.92 5.28
N ILE A 398 19.29 -18.57 6.36
CA ILE A 398 18.70 -17.66 7.35
C ILE A 398 18.74 -16.18 6.90
N SER A 399 19.61 -15.87 5.94
CA SER A 399 19.84 -14.49 5.52
C SER A 399 18.59 -13.73 5.09
N THR A 400 18.02 -14.12 3.96
CA THR A 400 16.87 -13.39 3.42
C THR A 400 15.67 -13.22 4.38
N PRO A 401 15.32 -14.25 5.20
CA PRO A 401 14.23 -13.97 6.14
C PRO A 401 14.62 -12.96 7.22
N ALA A 402 15.88 -12.97 7.64
CA ALA A 402 16.35 -12.07 8.68
C ALA A 402 16.14 -10.60 8.32
N ALA A 403 16.68 -10.20 7.18
CA ALA A 403 16.59 -8.82 6.71
C ALA A 403 15.15 -8.39 6.49
N ILE A 404 14.34 -9.29 5.94
CA ILE A 404 12.92 -9.02 5.71
C ILE A 404 12.17 -8.80 7.02
N THR A 405 12.32 -9.74 7.95
CA THR A 405 11.68 -9.64 9.26
C THR A 405 12.09 -8.34 9.93
N SER A 406 13.34 -7.97 9.72
CA SER A 406 13.91 -6.77 10.31
C SER A 406 13.39 -5.52 9.61
N GLY A 407 13.49 -5.52 8.28
CA GLY A 407 13.06 -4.38 7.47
C GLY A 407 11.60 -4.05 7.63
N LEU A 408 10.74 -5.04 7.39
CA LEU A 408 9.29 -4.88 7.57
C LEU A 408 8.95 -4.26 8.93
N ALA A 409 9.66 -4.73 9.96
CA ALA A 409 9.47 -4.25 11.32
C ALA A 409 9.97 -2.83 11.48
N ALA A 410 11.16 -2.59 10.95
CA ALA A 410 11.77 -1.27 11.01
C ALA A 410 10.96 -0.26 10.21
N ALA A 411 10.46 -0.72 9.06
CA ALA A 411 9.63 0.12 8.20
C ALA A 411 8.30 0.44 8.87
N ALA A 412 7.83 -0.48 9.71
CA ALA A 412 6.56 -0.32 10.41
C ALA A 412 6.70 0.66 11.57
N ARG A 413 7.91 0.76 12.12
CA ARG A 413 8.16 1.66 13.23
C ARG A 413 7.78 3.10 12.88
N ARG A 414 8.31 3.59 11.77
CA ARG A 414 8.00 4.95 11.34
C ARG A 414 6.75 4.99 10.45
N GLY A 415 5.71 4.27 10.87
CA GLY A 415 4.37 4.46 10.34
C GLY A 415 3.93 3.67 9.11
N ALA A 416 4.87 3.07 8.41
CA ALA A 416 4.57 2.42 7.13
C ALA A 416 4.40 0.91 7.25
N LEU A 417 3.18 0.43 6.96
CA LEU A 417 2.90 -1.00 6.99
C LEU A 417 2.97 -1.59 5.59
N ILE A 418 4.12 -2.18 5.27
CA ILE A 418 4.25 -2.98 4.05
C ILE A 418 3.78 -4.39 4.35
N LYS A 419 2.93 -4.94 3.49
CA LYS A 419 2.40 -6.28 3.72
C LYS A 419 3.48 -7.34 3.58
N GLY A 420 3.35 -8.25 2.62
CA GLY A 420 4.37 -9.26 2.41
C GLY A 420 5.78 -8.70 2.26
N GLY A 421 6.78 -9.46 2.70
CA GLY A 421 8.18 -9.07 2.54
C GLY A 421 8.61 -9.13 1.09
N ALA A 422 7.88 -9.90 0.31
CA ALA A 422 8.04 -9.93 -1.13
C ALA A 422 7.69 -8.57 -1.73
N ALA A 423 6.83 -7.81 -1.05
CA ALA A 423 6.51 -6.46 -1.48
C ALA A 423 7.66 -5.53 -1.09
N LEU A 424 8.09 -5.65 0.16
CA LEU A 424 9.24 -4.88 0.67
C LEU A 424 10.42 -4.97 -0.28
N GLU A 425 10.66 -6.16 -0.83
CA GLU A 425 11.76 -6.36 -1.77
C GLU A 425 11.64 -5.43 -2.99
N GLN A 426 10.46 -5.46 -3.62
CA GLN A 426 10.12 -4.60 -4.75
C GLN A 426 10.27 -3.12 -4.41
N LEU A 427 9.96 -2.77 -3.16
CA LEU A 427 10.08 -1.38 -2.71
C LEU A 427 11.50 -0.81 -2.89
N GLY A 428 12.53 -1.59 -2.56
CA GLY A 428 13.90 -1.13 -2.70
C GLY A 428 14.41 -1.24 -4.13
N ARG A 429 13.52 -1.02 -5.09
CA ARG A 429 13.79 -1.28 -6.50
C ARG A 429 13.11 -0.22 -7.39
N VAL A 430 12.16 0.53 -6.81
CA VAL A 430 11.45 1.57 -7.56
C VAL A 430 12.19 2.90 -7.57
N THR A 431 12.01 3.66 -8.64
CA THR A 431 12.68 4.95 -8.81
C THR A 431 11.73 6.00 -9.38
N GLN A 432 10.47 5.61 -9.52
CA GLN A 432 9.41 6.51 -10.00
C GLN A 432 8.25 6.50 -9.01
N VAL A 433 7.54 7.62 -8.91
CA VAL A 433 6.30 7.63 -8.15
C VAL A 433 5.14 8.28 -8.91
N ALA A 434 3.98 7.64 -8.85
CA ALA A 434 2.77 8.25 -9.34
C ALA A 434 1.83 8.55 -8.17
N PHE A 435 1.70 9.83 -7.81
CA PHE A 435 0.73 10.23 -6.81
C PHE A 435 -0.61 10.46 -7.47
N ASP A 436 -1.68 10.32 -6.70
CA ASP A 436 -2.95 10.96 -7.06
C ASP A 436 -3.00 12.18 -6.15
N LYS A 437 -3.83 13.17 -6.45
CA LYS A 437 -3.86 14.35 -5.57
C LYS A 437 -4.90 14.30 -4.45
N THR A 438 -6.18 14.40 -4.82
CA THR A 438 -7.28 14.56 -3.86
C THR A 438 -7.30 13.52 -2.75
N GLY A 439 -6.82 13.90 -1.58
CA GLY A 439 -6.86 13.00 -0.43
C GLY A 439 -5.52 12.40 -0.11
N THR A 440 -4.70 12.18 -1.14
CA THR A 440 -3.38 11.61 -0.93
C THR A 440 -2.28 12.68 -0.98
N LEU A 441 -2.25 13.47 -2.05
CA LEU A 441 -1.36 14.63 -2.06
C LEU A 441 -2.00 15.77 -1.29
N THR A 442 -3.33 15.80 -1.31
CA THR A 442 -4.06 16.82 -0.57
C THR A 442 -4.86 16.21 0.57
N VAL A 443 -5.89 16.92 0.99
CA VAL A 443 -6.63 16.58 2.19
C VAL A 443 -8.09 16.34 1.83
N GLY A 444 -8.47 16.77 0.63
CA GLY A 444 -9.84 16.61 0.20
C GLY A 444 -10.78 17.44 1.06
N LYS A 445 -10.23 18.48 1.68
CA LYS A 445 -11.04 19.49 2.37
C LYS A 445 -10.58 20.89 1.96
N PRO A 446 -11.55 21.74 1.61
CA PRO A 446 -11.29 23.11 1.15
C PRO A 446 -10.80 24.06 2.24
N ARG A 447 -10.14 25.14 1.79
CA ARG A 447 -9.80 26.26 2.65
C ARG A 447 -10.00 27.54 1.86
N VAL A 448 -10.36 28.63 2.54
CA VAL A 448 -10.50 29.93 1.87
C VAL A 448 -9.16 30.41 1.34
N THR A 449 -9.14 30.80 0.07
CA THR A 449 -7.93 31.28 -0.55
C THR A 449 -7.99 32.76 -0.89
N ALA A 450 -9.18 33.28 -1.14
CA ALA A 450 -9.30 34.67 -1.55
C ALA A 450 -10.60 35.33 -1.10
N ILE A 451 -10.54 36.50 -0.49
CA ILE A 451 -11.77 37.21 -0.18
C ILE A 451 -11.83 38.54 -0.92
N HIS A 452 -12.86 38.74 -1.72
CA HIS A 452 -12.95 39.95 -2.53
C HIS A 452 -14.27 40.66 -2.36
N PRO A 453 -14.26 41.73 -1.55
CA PRO A 453 -15.49 42.46 -1.25
C PRO A 453 -15.82 43.44 -2.36
N ALA A 454 -17.11 43.78 -2.47
CA ALA A 454 -17.52 44.87 -3.33
C ALA A 454 -17.01 46.15 -2.66
N THR A 455 -16.96 47.23 -3.44
CA THR A 455 -16.40 48.49 -2.95
C THR A 455 -17.27 49.10 -1.84
N GLY A 456 -16.64 49.42 -0.72
CA GLY A 456 -17.37 49.94 0.42
C GLY A 456 -17.63 48.86 1.45
N ILE A 457 -16.90 47.75 1.34
CA ILE A 457 -16.97 46.64 2.28
C ILE A 457 -15.57 46.04 2.52
N SER A 458 -15.31 45.55 3.72
CA SER A 458 -14.03 44.90 4.01
C SER A 458 -14.12 43.39 3.92
N GLU A 459 -12.98 42.74 3.65
CA GLU A 459 -12.90 41.28 3.63
C GLU A 459 -13.54 40.71 4.89
N SER A 460 -13.35 41.40 6.01
CA SER A 460 -13.83 40.91 7.29
C SER A 460 -15.35 40.93 7.41
N GLU A 461 -15.99 41.93 6.80
CA GLU A 461 -17.45 42.03 6.80
C GLU A 461 -18.08 40.98 5.92
N LEU A 462 -17.58 40.91 4.69
CA LEU A 462 -17.99 39.89 3.73
C LEU A 462 -17.88 38.51 4.39
N LEU A 463 -16.73 38.24 4.98
CA LEU A 463 -16.43 36.95 5.57
C LEU A 463 -17.31 36.62 6.78
N THR A 464 -17.54 37.61 7.63
CA THR A 464 -18.38 37.40 8.82
C THR A 464 -19.87 37.22 8.44
N LEU A 465 -20.30 37.94 7.42
CA LEU A 465 -21.66 37.83 6.91
C LEU A 465 -21.87 36.45 6.29
N ALA A 466 -20.84 35.96 5.59
CA ALA A 466 -20.90 34.61 5.05
C ALA A 466 -21.01 33.60 6.17
N ALA A 467 -20.09 33.68 7.14
CA ALA A 467 -20.08 32.75 8.27
C ALA A 467 -21.40 32.73 9.04
N ALA A 468 -22.09 33.86 9.11
CA ALA A 468 -23.38 33.91 9.80
C ALA A 468 -24.41 32.95 9.20
N VAL A 469 -24.33 32.81 7.88
CA VAL A 469 -25.25 31.94 7.15
C VAL A 469 -24.71 30.52 7.14
N GLU A 470 -23.40 30.38 7.12
CA GLU A 470 -22.75 29.08 6.97
C GLU A 470 -22.58 28.29 8.26
N GLN A 471 -22.88 28.91 9.41
CA GLN A 471 -22.77 28.20 10.67
C GLN A 471 -23.91 27.19 10.81
N GLY A 472 -23.55 25.96 11.15
CA GLY A 472 -24.49 24.87 11.21
C GLY A 472 -24.34 23.96 10.01
N ALA A 473 -24.30 24.56 8.81
CA ALA A 473 -24.18 23.82 7.56
C ALA A 473 -22.98 22.88 7.56
N THR A 474 -23.17 21.68 7.02
CA THR A 474 -22.13 20.67 7.06
C THR A 474 -21.29 20.58 5.78
N HIS A 475 -21.78 21.22 4.72
CA HIS A 475 -21.07 21.29 3.44
C HIS A 475 -19.61 21.71 3.68
N PRO A 476 -18.65 20.99 3.09
CA PRO A 476 -17.22 21.25 3.35
C PRO A 476 -16.82 22.70 3.09
N LEU A 477 -17.48 23.34 2.13
CA LEU A 477 -17.21 24.72 1.79
C LEU A 477 -17.62 25.66 2.92
N ALA A 478 -18.85 25.50 3.39
CA ALA A 478 -19.39 26.33 4.45
C ALA A 478 -18.48 26.25 5.67
N GLN A 479 -18.05 25.04 5.96
CA GLN A 479 -17.12 24.80 7.05
C GLN A 479 -15.84 25.58 6.84
N ALA A 480 -15.26 25.49 5.64
CA ALA A 480 -14.04 26.23 5.33
C ALA A 480 -14.19 27.73 5.62
N ILE A 481 -15.35 28.26 5.26
CA ILE A 481 -15.69 29.66 5.51
C ILE A 481 -15.70 29.99 7.01
N VAL A 482 -16.49 29.22 7.77
CA VAL A 482 -16.60 29.47 9.20
C VAL A 482 -15.24 29.41 9.90
N ARG A 483 -14.46 28.39 9.53
CA ARG A 483 -13.08 28.28 9.96
C ARG A 483 -12.35 29.59 9.74
N GLU A 484 -12.48 30.12 8.53
CA GLU A 484 -11.84 31.40 8.20
C GLU A 484 -12.24 32.51 9.16
N ALA A 485 -13.54 32.71 9.36
CA ALA A 485 -13.99 33.72 10.30
C ALA A 485 -13.35 33.56 11.68
N GLN A 486 -13.28 32.32 12.17
CA GLN A 486 -12.73 32.07 13.50
C GLN A 486 -11.22 32.35 13.62
N VAL A 487 -10.46 31.79 12.68
CA VAL A 487 -9.02 31.98 12.65
C VAL A 487 -8.62 33.46 12.66
N ALA A 488 -9.48 34.29 12.08
CA ALA A 488 -9.22 35.72 11.97
C ALA A 488 -9.80 36.51 13.14
N GLU A 489 -10.18 35.80 14.20
CA GLU A 489 -10.76 36.42 15.39
C GLU A 489 -11.94 37.33 15.03
N LEU A 490 -12.98 36.71 14.47
CA LEU A 490 -14.17 37.42 14.01
C LEU A 490 -15.41 36.84 14.69
N ALA A 491 -16.04 37.65 15.52
CA ALA A 491 -17.26 37.23 16.19
C ALA A 491 -18.39 37.05 15.19
N ILE A 492 -18.73 35.81 14.88
CA ILE A 492 -19.87 35.50 14.02
C ILE A 492 -21.19 35.75 14.77
N PRO A 493 -22.20 36.32 14.08
CA PRO A 493 -23.43 36.71 14.79
C PRO A 493 -24.73 35.96 14.42
N THR A 494 -25.83 36.54 14.91
CA THR A 494 -27.20 36.36 14.41
C THR A 494 -27.76 34.93 14.15
N ALA A 495 -27.84 34.50 12.89
CA ALA A 495 -28.64 33.34 12.47
C ALA A 495 -30.13 33.43 12.84
N GLU A 496 -30.99 33.20 11.85
CA GLU A 496 -32.45 33.15 12.05
C GLU A 496 -33.14 32.02 11.29
N SER A 497 -33.19 32.13 9.96
CA SER A 497 -33.88 31.15 9.13
C SER A 497 -33.00 29.96 8.74
N GLN A 498 -32.07 30.21 7.82
CA GLN A 498 -31.22 29.18 7.22
C GLN A 498 -32.02 28.20 6.35
N ARG A 499 -32.04 28.48 5.06
CA ARG A 499 -32.90 27.78 4.11
C ARG A 499 -32.05 27.16 2.99
N ALA A 500 -31.61 25.92 3.20
CA ALA A 500 -30.61 25.28 2.34
C ALA A 500 -31.14 25.02 0.94
N LEU A 501 -32.34 25.52 0.63
CA LEU A 501 -32.85 25.44 -0.74
C LEU A 501 -32.35 26.51 -1.73
N VAL A 502 -33.08 26.63 -2.84
CA VAL A 502 -32.81 27.45 -4.05
C VAL A 502 -32.01 26.80 -5.20
N GLY A 503 -30.95 26.07 -4.88
CA GLY A 503 -30.15 25.46 -5.92
C GLY A 503 -28.69 25.79 -5.78
N SER A 504 -27.97 24.94 -5.05
CA SER A 504 -26.54 25.11 -4.74
C SER A 504 -26.26 26.31 -3.82
N GLY A 505 -27.28 27.12 -3.58
CA GLY A 505 -27.16 28.23 -2.67
C GLY A 505 -27.85 27.92 -1.35
N ILE A 506 -27.34 28.51 -0.27
CA ILE A 506 -28.03 28.54 0.99
C ILE A 506 -28.34 30.00 1.28
N GLU A 507 -29.47 30.27 1.92
CA GLU A 507 -29.78 31.63 2.31
C GLU A 507 -30.39 31.69 3.69
N ALA A 508 -29.99 32.67 4.47
CA ALA A 508 -30.53 32.87 5.80
C ALA A 508 -30.96 34.32 5.96
N GLN A 509 -31.42 34.67 7.15
CA GLN A 509 -31.79 36.03 7.44
C GLN A 509 -30.85 36.64 8.48
N VAL A 510 -30.00 37.57 8.05
CA VAL A 510 -29.06 38.26 8.93
C VAL A 510 -29.40 39.74 9.03
N ASN A 511 -29.45 40.28 10.26
CA ASN A 511 -29.60 41.72 10.47
C ASN A 511 -30.89 42.22 9.81
N GLY A 512 -31.89 41.35 9.75
CA GLY A 512 -33.15 41.66 9.11
C GLY A 512 -33.25 41.39 7.62
N GLU A 513 -32.11 41.11 6.99
CA GLU A 513 -32.04 40.98 5.52
C GLU A 513 -31.88 39.55 5.00
N ARG A 514 -32.27 39.34 3.75
CA ARG A 514 -32.17 38.03 3.09
C ARG A 514 -30.82 37.85 2.41
N VAL A 515 -29.92 37.12 3.06
CA VAL A 515 -28.56 36.96 2.58
C VAL A 515 -28.34 35.62 1.88
N LEU A 516 -27.89 35.68 0.63
CA LEU A 516 -27.69 34.49 -0.17
C LEU A 516 -26.21 34.19 -0.40
N ILE A 517 -25.78 32.98 -0.06
CA ILE A 517 -24.48 32.51 -0.50
C ILE A 517 -24.69 31.38 -1.49
N CYS A 518 -24.21 31.56 -2.73
CA CYS A 518 -24.38 30.51 -3.73
C CYS A 518 -23.11 30.22 -4.52
N ALA A 519 -23.18 29.26 -5.45
CA ALA A 519 -22.01 28.85 -6.21
C ALA A 519 -21.63 29.86 -7.30
N ALA A 520 -21.00 29.35 -8.35
CA ALA A 520 -20.41 30.19 -9.39
C ALA A 520 -21.43 31.01 -10.16
N GLY A 521 -21.92 30.44 -11.26
CA GLY A 521 -22.82 31.16 -12.14
C GLY A 521 -24.28 30.99 -11.85
N LYS A 522 -24.63 30.88 -10.57
CA LYS A 522 -26.02 30.70 -10.15
C LYS A 522 -26.67 32.04 -9.80
N HIS A 523 -25.96 33.12 -10.06
CA HIS A 523 -26.48 34.48 -9.86
C HIS A 523 -25.59 35.43 -10.65
N PRO A 524 -26.19 36.43 -11.30
CA PRO A 524 -25.38 37.38 -12.07
C PRO A 524 -24.43 38.15 -11.17
N ALA A 525 -23.18 38.28 -11.60
CA ALA A 525 -22.19 39.05 -10.87
C ALA A 525 -21.23 39.70 -11.87
N ASP A 526 -21.79 40.57 -12.72
CA ASP A 526 -21.03 41.18 -13.80
C ASP A 526 -19.78 41.92 -13.33
N ALA A 527 -19.94 42.76 -12.32
CA ALA A 527 -18.82 43.57 -11.82
C ALA A 527 -17.68 42.69 -11.30
N PHE A 528 -17.99 41.44 -11.01
CA PHE A 528 -17.02 40.47 -10.51
C PHE A 528 -16.57 39.45 -11.56
N ALA A 529 -17.29 39.40 -12.68
CA ALA A 529 -17.09 38.40 -13.74
C ALA A 529 -15.64 38.06 -14.07
N GLY A 530 -14.88 39.06 -14.52
CA GLY A 530 -13.49 38.86 -14.89
C GLY A 530 -12.72 38.20 -13.78
N LEU A 531 -12.83 38.76 -12.57
CA LEU A 531 -12.03 38.30 -11.44
C LEU A 531 -12.37 36.85 -11.14
N ILE A 532 -13.67 36.56 -11.10
CA ILE A 532 -14.18 35.20 -11.02
C ILE A 532 -13.45 34.27 -12.01
N ASN A 533 -13.47 34.62 -13.29
CA ASN A 533 -12.79 33.81 -14.29
C ASN A 533 -11.36 33.57 -13.88
N GLU A 534 -10.69 34.64 -13.47
CA GLU A 534 -9.30 34.57 -13.09
C GLU A 534 -9.15 33.45 -12.07
N LEU A 535 -9.92 33.58 -10.99
CA LEU A 535 -9.86 32.64 -9.89
C LEU A 535 -10.10 31.25 -10.44
N GLU A 536 -11.16 31.13 -11.24
CA GLU A 536 -11.57 29.81 -11.73
C GLU A 536 -10.49 29.17 -12.60
N SER A 537 -9.77 29.98 -13.37
CA SER A 537 -8.77 29.40 -14.25
C SER A 537 -7.57 28.95 -13.43
N ALA A 538 -7.45 29.51 -12.23
CA ALA A 538 -6.35 29.19 -11.32
C ALA A 538 -6.71 28.01 -10.42
N GLY A 539 -7.78 27.31 -10.76
CA GLY A 539 -8.21 26.14 -10.01
C GLY A 539 -8.91 26.47 -8.72
N GLN A 540 -9.59 27.61 -8.69
CA GLN A 540 -10.26 28.08 -7.48
C GLN A 540 -11.77 27.97 -7.64
N THR A 541 -12.46 27.70 -6.55
CA THR A 541 -13.92 27.63 -6.57
C THR A 541 -14.55 28.80 -5.83
N VAL A 542 -15.28 29.64 -6.54
CA VAL A 542 -15.81 30.85 -5.91
C VAL A 542 -17.32 30.86 -5.63
N VAL A 543 -17.66 31.28 -4.42
CA VAL A 543 -19.04 31.48 -4.03
C VAL A 543 -19.34 32.97 -3.93
N LEU A 544 -20.60 33.31 -4.15
CA LEU A 544 -21.05 34.69 -4.17
C LEU A 544 -21.91 35.00 -2.95
N VAL A 545 -21.62 36.14 -2.34
CA VAL A 545 -22.42 36.68 -1.26
C VAL A 545 -23.25 37.85 -1.77
N VAL A 546 -24.57 37.73 -1.56
CA VAL A 546 -25.58 38.57 -2.19
C VAL A 546 -26.71 38.97 -1.25
N ARG A 547 -26.77 40.25 -0.90
CA ARG A 547 -27.87 40.78 -0.11
C ARG A 547 -28.80 41.51 -1.07
N ASN A 548 -30.09 41.46 -0.81
CA ASN A 548 -31.10 41.92 -1.76
C ASN A 548 -30.89 41.22 -3.10
N ASP A 549 -30.31 41.96 -4.03
CA ASP A 549 -29.97 41.42 -5.34
C ASP A 549 -28.68 42.09 -5.76
N ASP A 550 -27.78 42.26 -4.80
CA ASP A 550 -26.47 42.85 -5.06
C ASP A 550 -25.37 41.97 -4.53
N VAL A 551 -24.49 41.52 -5.41
CA VAL A 551 -23.34 40.74 -4.98
C VAL A 551 -22.49 41.62 -4.09
N LEU A 552 -22.63 41.42 -2.78
CA LEU A 552 -21.80 42.12 -1.80
C LEU A 552 -20.34 41.70 -1.96
N GLY A 553 -20.09 40.53 -2.53
CA GLY A 553 -18.71 40.13 -2.77
C GLY A 553 -18.50 38.67 -3.11
N ILE A 554 -17.25 38.28 -3.34
CA ILE A 554 -16.95 36.89 -3.71
C ILE A 554 -15.86 36.27 -2.86
N ILE A 555 -15.99 34.97 -2.61
CA ILE A 555 -14.98 34.24 -1.84
C ILE A 555 -14.48 33.08 -2.68
N ALA A 556 -13.17 32.87 -2.68
CA ALA A 556 -12.55 31.78 -3.42
C ALA A 556 -11.92 30.76 -2.48
N LEU A 557 -12.23 29.50 -2.74
CA LEU A 557 -11.76 28.41 -1.91
C LEU A 557 -11.01 27.40 -2.77
N GLN A 558 -10.26 26.52 -2.13
CA GLN A 558 -9.49 25.52 -2.83
C GLN A 558 -9.07 24.42 -1.88
N ASP A 559 -9.03 23.21 -2.40
CA ASP A 559 -8.53 22.04 -1.67
C ASP A 559 -7.15 22.33 -1.12
N THR A 560 -6.81 21.68 -0.02
CA THR A 560 -5.58 21.95 0.72
C THR A 560 -4.64 20.78 0.59
N LEU A 561 -3.37 21.03 0.30
CA LEU A 561 -2.41 19.93 0.25
C LEU A 561 -1.85 19.58 1.63
N ARG A 562 -1.57 18.30 1.83
CA ARG A 562 -0.95 17.83 3.07
C ARG A 562 0.29 18.65 3.44
N ALA A 563 0.50 18.85 4.74
CA ALA A 563 1.59 19.71 5.20
C ALA A 563 2.95 19.21 4.75
N ASP A 564 3.20 17.93 4.97
CA ASP A 564 4.52 17.38 4.69
C ASP A 564 4.69 17.02 3.22
N ALA A 565 3.69 17.29 2.40
CA ALA A 565 3.74 16.97 0.98
C ALA A 565 4.96 17.59 0.31
N ALA A 566 5.01 18.93 0.31
CA ALA A 566 6.08 19.70 -0.32
C ALA A 566 7.46 19.15 -0.01
N THR A 567 7.86 19.28 1.25
CA THR A 567 9.12 18.73 1.72
C THR A 567 9.33 17.29 1.22
N ALA A 568 8.32 16.45 1.39
CA ALA A 568 8.42 15.04 1.01
C ALA A 568 8.88 14.90 -0.43
N ILE A 569 8.24 15.65 -1.33
CA ILE A 569 8.58 15.57 -2.75
C ILE A 569 10.05 15.89 -2.95
N SER A 570 10.48 17.00 -2.36
CA SER A 570 11.87 17.40 -2.43
C SER A 570 12.76 16.25 -1.99
N GLU A 571 12.39 15.64 -0.86
CA GLU A 571 13.18 14.57 -0.29
C GLU A 571 13.28 13.40 -1.27
N LEU A 572 12.16 13.10 -1.95
CA LEU A 572 12.15 12.04 -2.93
C LEU A 572 13.13 12.34 -4.05
N ASN A 573 13.20 13.60 -4.45
CA ASN A 573 14.11 14.01 -5.50
C ASN A 573 15.56 13.82 -5.05
N ALA A 574 15.80 14.01 -3.76
CA ALA A 574 17.15 13.85 -3.22
C ALA A 574 17.59 12.41 -3.42
N LEU A 575 16.61 11.52 -3.53
CA LEU A 575 16.85 10.11 -3.76
C LEU A 575 16.74 9.73 -5.23
N GLY A 576 16.59 10.74 -6.08
CA GLY A 576 16.48 10.51 -7.51
C GLY A 576 15.18 9.82 -7.89
N VAL A 577 14.07 10.34 -7.38
CA VAL A 577 12.77 9.74 -7.65
C VAL A 577 11.81 10.77 -8.25
N LYS A 578 11.65 10.72 -9.56
CA LYS A 578 10.72 11.60 -10.26
C LYS A 578 9.28 11.25 -9.90
N GLY A 579 8.43 12.28 -9.84
CA GLY A 579 7.03 12.07 -9.53
C GLY A 579 6.10 12.66 -10.57
N VAL A 580 4.93 12.03 -10.73
CA VAL A 580 3.86 12.62 -11.54
C VAL A 580 2.54 12.61 -10.77
N ILE A 581 1.60 13.42 -11.22
CA ILE A 581 0.27 13.41 -10.65
C ILE A 581 -0.71 12.77 -11.63
N LEU A 582 -1.45 11.79 -11.13
CA LEU A 582 -2.44 11.07 -11.91
C LEU A 582 -3.78 11.24 -11.22
N THR A 583 -4.58 12.18 -11.72
CA THR A 583 -5.81 12.54 -11.02
C THR A 583 -7.04 12.59 -11.92
N GLY A 584 -8.18 12.17 -11.39
CA GLY A 584 -9.41 12.25 -12.13
C GLY A 584 -10.08 13.60 -11.96
N ASP A 585 -9.38 14.53 -11.31
CA ASP A 585 -9.95 15.84 -11.01
C ASP A 585 -9.76 16.78 -12.20
N ASN A 586 -10.45 17.92 -12.20
CA ASN A 586 -10.35 18.84 -13.34
C ASN A 586 -8.93 19.38 -13.51
N PRO A 587 -8.55 19.72 -14.76
CA PRO A 587 -7.14 20.09 -14.98
C PRO A 587 -6.74 21.43 -14.37
N ARG A 588 -7.71 22.21 -13.90
CA ARG A 588 -7.39 23.48 -13.25
C ARG A 588 -6.91 23.29 -11.81
N ALA A 589 -7.66 22.51 -11.03
CA ALA A 589 -7.25 22.18 -9.66
C ALA A 589 -5.94 21.42 -9.73
N ALA A 590 -5.90 20.46 -10.65
CA ALA A 590 -4.70 19.68 -10.94
C ALA A 590 -3.50 20.60 -11.16
N ALA A 591 -3.66 21.57 -12.07
CA ALA A 591 -2.60 22.52 -12.37
C ALA A 591 -2.20 23.35 -11.14
N ALA A 592 -3.18 23.72 -10.32
CA ALA A 592 -2.90 24.51 -9.13
C ALA A 592 -2.00 23.78 -8.14
N ILE A 593 -2.45 22.61 -7.69
CA ILE A 593 -1.68 21.80 -6.75
C ILE A 593 -0.32 21.41 -7.33
N ALA A 594 -0.36 20.87 -8.54
CA ALA A 594 0.85 20.43 -9.22
C ALA A 594 1.82 21.60 -9.33
N GLY A 595 1.27 22.80 -9.44
CA GLY A 595 2.05 24.02 -9.56
C GLY A 595 2.73 24.40 -8.27
N GLU A 596 2.00 24.31 -7.15
CA GLU A 596 2.64 24.49 -5.84
C GLU A 596 3.82 23.53 -5.69
N LEU A 597 3.63 22.26 -6.08
CA LEU A 597 4.78 21.37 -6.14
C LEU A 597 5.52 21.58 -7.47
N GLY A 598 6.52 20.76 -7.77
CA GLY A 598 7.26 20.93 -9.01
C GLY A 598 6.98 19.82 -10.00
N LEU A 599 5.74 19.32 -9.96
CA LEU A 599 5.41 18.07 -10.63
C LEU A 599 4.61 18.22 -11.91
N GLU A 600 4.80 17.27 -12.82
CA GLU A 600 3.94 17.14 -13.99
C GLU A 600 2.63 16.48 -13.56
N PHE A 601 1.62 16.58 -14.42
CA PHE A 601 0.35 15.95 -14.09
C PHE A 601 -0.45 15.59 -15.33
N LYS A 602 -1.30 14.60 -15.16
CA LYS A 602 -2.28 14.22 -16.15
C LYS A 602 -3.62 14.19 -15.42
N ALA A 603 -4.57 14.98 -15.91
CA ALA A 603 -5.81 15.19 -15.18
C ALA A 603 -7.02 14.53 -15.82
N GLY A 604 -8.20 14.80 -15.25
CA GLY A 604 -9.47 14.33 -15.77
C GLY A 604 -9.52 12.88 -16.23
N LEU A 605 -8.69 12.03 -15.64
CA LEU A 605 -8.55 10.67 -16.15
C LEU A 605 -9.16 9.56 -15.31
N LEU A 606 -9.99 8.76 -15.97
CA LEU A 606 -10.69 7.61 -15.40
C LEU A 606 -9.72 6.59 -14.78
N PRO A 607 -10.23 5.65 -13.98
CA PRO A 607 -9.34 4.64 -13.36
C PRO A 607 -8.51 3.89 -14.40
N GLU A 608 -9.16 3.55 -15.51
CA GLU A 608 -8.50 2.88 -16.63
C GLU A 608 -7.34 3.68 -17.17
N ASP A 609 -7.46 4.99 -17.19
CA ASP A 609 -6.42 5.87 -17.70
C ASP A 609 -5.26 5.97 -16.73
N LYS A 610 -5.55 5.86 -15.43
CA LYS A 610 -4.49 5.77 -14.44
C LYS A 610 -3.76 4.45 -14.65
N VAL A 611 -4.51 3.39 -14.96
CA VAL A 611 -3.88 2.09 -15.24
C VAL A 611 -2.98 2.20 -16.45
N LYS A 612 -3.52 2.78 -17.51
CA LYS A 612 -2.86 2.89 -18.80
C LYS A 612 -1.58 3.71 -18.67
N ALA A 613 -1.70 4.87 -18.03
CA ALA A 613 -0.56 5.73 -17.78
C ALA A 613 0.48 5.00 -16.93
N VAL A 614 0.00 4.29 -15.92
CA VAL A 614 0.90 3.64 -14.99
C VAL A 614 1.68 2.49 -15.64
N THR A 615 1.01 1.68 -16.45
CA THR A 615 1.66 0.57 -17.14
C THR A 615 2.59 1.07 -18.23
N LYS A 616 2.26 2.25 -18.77
CA LYS A 616 3.14 2.92 -19.73
C LYS A 616 4.43 3.38 -19.07
N LEU A 617 4.35 3.84 -17.82
CA LEU A 617 5.54 4.26 -17.09
C LEU A 617 6.35 3.08 -16.59
N ASN A 618 5.67 2.11 -15.99
CA ASN A 618 6.31 0.96 -15.33
C ASN A 618 7.24 0.18 -16.25
N GLN A 619 7.08 0.40 -17.55
CA GLN A 619 7.99 -0.16 -18.56
C GLN A 619 9.42 0.28 -18.25
N HIS A 620 9.63 1.59 -18.25
CA HIS A 620 10.96 2.18 -18.04
C HIS A 620 11.59 1.72 -16.74
N ALA A 621 10.98 2.12 -15.63
CA ALA A 621 11.51 1.78 -14.31
C ALA A 621 10.34 1.45 -13.39
N PRO A 622 10.58 0.58 -12.40
CA PRO A 622 9.61 0.22 -11.37
C PRO A 622 8.99 1.45 -10.72
N LEU A 623 7.67 1.47 -10.61
CA LEU A 623 6.95 2.64 -10.11
C LEU A 623 6.14 2.35 -8.86
N ALA A 624 6.17 3.28 -7.91
CA ALA A 624 5.30 3.19 -6.75
C ALA A 624 4.06 4.07 -6.95
N MET A 625 2.89 3.45 -6.91
CA MET A 625 1.64 4.17 -7.01
C MET A 625 1.05 4.49 -5.64
N VAL A 626 0.77 5.76 -5.39
CA VAL A 626 0.16 6.16 -4.12
C VAL A 626 -1.25 6.72 -4.35
N GLY A 627 -2.23 6.22 -3.60
CA GLY A 627 -3.61 6.60 -3.84
C GLY A 627 -4.48 6.52 -2.62
N ASP A 628 -5.60 7.24 -2.68
CA ASP A 628 -6.52 7.33 -1.57
C ASP A 628 -7.73 6.46 -1.89
N GLY A 629 -8.38 6.79 -3.01
CA GLY A 629 -9.70 6.30 -3.31
C GLY A 629 -9.73 5.06 -4.17
N ILE A 630 -10.94 4.73 -4.57
CA ILE A 630 -11.20 3.53 -5.35
C ILE A 630 -10.52 3.62 -6.73
N ASN A 631 -10.61 4.78 -7.38
CA ASN A 631 -10.10 4.92 -8.75
C ASN A 631 -8.59 4.67 -8.89
N ASP A 632 -7.90 4.58 -7.76
CA ASP A 632 -6.46 4.36 -7.77
C ASP A 632 -6.15 2.87 -7.67
N ALA A 633 -7.05 2.11 -7.05
CA ALA A 633 -6.84 0.69 -6.85
C ALA A 633 -6.52 -0.10 -8.13
N PRO A 634 -7.24 0.20 -9.24
CA PRO A 634 -6.82 -0.49 -10.47
C PRO A 634 -5.37 -0.17 -10.83
N ALA A 635 -5.02 1.12 -10.85
CA ALA A 635 -3.63 1.54 -11.12
C ALA A 635 -2.64 0.99 -10.09
N MET A 636 -3.13 0.64 -8.90
CA MET A 636 -2.29 0.11 -7.84
C MET A 636 -1.72 -1.28 -8.08
N LYS A 637 -2.54 -2.21 -8.57
CA LYS A 637 -2.06 -3.55 -8.88
C LYS A 637 -1.28 -3.61 -10.20
N ALA A 638 -1.15 -2.46 -10.83
CA ALA A 638 -0.60 -2.38 -12.17
C ALA A 638 0.82 -1.79 -12.14
N ALA A 639 1.46 -1.76 -10.98
CA ALA A 639 2.77 -1.14 -10.90
C ALA A 639 3.59 -1.45 -9.67
N ALA A 640 4.47 -2.44 -9.76
CA ALA A 640 5.48 -2.68 -8.73
C ALA A 640 4.94 -2.76 -7.30
N ILE A 641 4.33 -1.65 -6.83
CA ILE A 641 3.68 -1.54 -5.53
C ILE A 641 2.67 -0.41 -5.53
N GLY A 642 1.56 -0.63 -4.83
CA GLY A 642 0.59 0.43 -4.59
C GLY A 642 0.58 0.76 -3.11
N ILE A 643 0.64 2.05 -2.78
CA ILE A 643 0.58 2.44 -1.39
C ILE A 643 -0.72 3.20 -1.13
N ALA A 644 -1.47 2.77 -0.13
CA ALA A 644 -2.70 3.44 0.25
C ALA A 644 -2.47 4.39 1.41
N MET A 645 -3.11 5.55 1.33
CA MET A 645 -3.19 6.44 2.47
C MET A 645 -4.03 5.83 3.58
N GLY A 646 -3.68 6.10 4.83
CA GLY A 646 -4.42 5.60 5.97
C GLY A 646 -5.84 6.10 5.97
N SER A 647 -6.06 7.25 5.35
CA SER A 647 -7.42 7.74 5.14
C SER A 647 -8.04 7.10 3.89
N GLY A 648 -7.33 6.13 3.31
CA GLY A 648 -7.76 5.47 2.09
C GLY A 648 -9.10 4.76 2.19
N THR A 649 -9.73 4.57 1.04
CA THR A 649 -10.96 3.79 0.97
C THR A 649 -10.62 2.33 1.27
N ASP A 650 -11.65 1.56 1.60
CA ASP A 650 -11.47 0.16 1.96
C ASP A 650 -10.81 -0.63 0.83
N VAL A 651 -11.34 -0.48 -0.38
CA VAL A 651 -10.81 -1.22 -1.52
C VAL A 651 -9.36 -0.81 -1.82
N ALA A 652 -9.03 0.43 -1.50
CA ALA A 652 -7.68 0.93 -1.71
C ALA A 652 -6.75 0.27 -0.73
N LEU A 653 -7.18 0.21 0.53
CA LEU A 653 -6.41 -0.44 1.59
C LEU A 653 -6.20 -1.92 1.31
N GLU A 654 -7.23 -2.57 0.78
CA GLU A 654 -7.11 -3.96 0.35
C GLU A 654 -6.06 -4.07 -0.74
N THR A 655 -6.32 -3.41 -1.87
CA THR A 655 -5.49 -3.52 -3.06
C THR A 655 -4.04 -3.10 -2.80
N ALA A 656 -3.86 -2.16 -1.88
CA ALA A 656 -2.53 -1.65 -1.57
C ALA A 656 -1.57 -2.76 -1.20
N ASP A 657 -0.34 -2.66 -1.67
CA ASP A 657 0.70 -3.59 -1.26
C ASP A 657 1.30 -3.13 0.05
N ALA A 658 1.10 -1.86 0.36
CA ALA A 658 1.57 -1.28 1.62
C ALA A 658 0.69 -0.09 1.96
N ALA A 659 0.55 0.18 3.26
CA ALA A 659 -0.27 1.29 3.70
C ALA A 659 0.53 2.29 4.53
N LEU A 660 0.19 3.57 4.38
CA LEU A 660 0.72 4.60 5.25
C LEU A 660 -0.36 4.94 6.24
N THR A 661 -0.15 4.56 7.50
CA THR A 661 -0.95 5.10 8.58
C THR A 661 -0.65 6.60 8.65
N HIS A 662 -1.20 7.29 9.65
CA HIS A 662 -0.78 8.67 9.92
C HIS A 662 -1.06 9.65 8.77
N ASN A 663 -1.10 9.14 7.54
CA ASN A 663 -1.18 9.96 6.34
C ASN A 663 0.00 10.91 6.14
N HIS A 664 1.19 10.50 6.60
CA HIS A 664 2.38 11.31 6.40
C HIS A 664 3.13 10.94 5.12
N LEU A 665 3.24 11.90 4.21
CA LEU A 665 3.87 11.67 2.92
C LEU A 665 5.37 11.40 3.00
N ARG A 666 6.02 11.96 4.00
CA ARG A 666 7.45 11.74 4.22
C ARG A 666 7.75 10.29 4.59
N GLY A 667 6.71 9.51 4.79
CA GLY A 667 6.87 8.08 5.01
C GLY A 667 7.43 7.45 3.76
N LEU A 668 6.94 7.94 2.61
CA LEU A 668 7.36 7.45 1.31
C LEU A 668 8.87 7.42 1.18
N VAL A 669 9.49 8.58 1.41
CA VAL A 669 10.94 8.67 1.39
C VAL A 669 11.48 7.61 2.34
N GLN A 670 11.02 7.64 3.58
CA GLN A 670 11.49 6.74 4.61
C GLN A 670 11.20 5.29 4.25
N MET A 671 10.15 5.07 3.46
CA MET A 671 9.89 3.74 2.93
C MET A 671 11.03 3.34 2.01
N ILE A 672 11.18 4.07 0.90
CA ILE A 672 12.15 3.71 -0.12
C ILE A 672 13.54 3.53 0.48
N GLU A 673 13.96 4.53 1.25
CA GLU A 673 15.21 4.46 2.00
C GLU A 673 15.34 3.10 2.70
N LEU A 674 14.44 2.86 3.65
CA LEU A 674 14.43 1.63 4.45
C LEU A 674 14.53 0.46 3.50
N ALA A 675 13.67 0.50 2.49
CA ALA A 675 13.50 -0.59 1.57
C ALA A 675 14.86 -0.93 0.98
N ARG A 676 15.54 0.09 0.47
CA ARG A 676 16.81 -0.13 -0.18
C ARG A 676 17.84 -0.70 0.80
N ALA A 677 17.87 -0.17 2.00
CA ALA A 677 18.76 -0.71 3.03
C ALA A 677 18.53 -2.21 3.15
N THR A 678 17.26 -2.60 3.20
CA THR A 678 16.89 -4.01 3.31
C THR A 678 17.56 -4.81 2.21
N HIS A 679 17.42 -4.31 0.98
CA HIS A 679 17.99 -4.95 -0.19
C HIS A 679 19.48 -5.14 -0.01
N ALA A 680 20.14 -4.08 0.47
CA ALA A 680 21.56 -4.14 0.72
C ALA A 680 21.80 -5.18 1.81
N ASN A 681 21.05 -5.04 2.90
CA ASN A 681 21.25 -5.86 4.09
C ASN A 681 21.21 -7.35 3.77
N ILE A 682 20.20 -7.76 2.99
CA ILE A 682 20.10 -9.12 2.49
C ILE A 682 21.44 -9.58 1.95
N ARG A 683 21.94 -8.88 0.94
CA ARG A 683 23.13 -9.33 0.25
C ARG A 683 24.37 -9.19 1.10
N GLN A 684 24.26 -8.54 2.25
CA GLN A 684 25.37 -8.53 3.17
C GLN A 684 25.38 -9.86 3.90
N ASN A 685 24.24 -10.20 4.48
CA ASN A 685 24.09 -11.44 5.23
C ASN A 685 24.59 -12.60 4.39
N ILE A 686 24.08 -12.69 3.17
CA ILE A 686 24.56 -13.65 2.18
C ILE A 686 26.07 -13.73 2.19
N THR A 687 26.74 -12.63 1.85
CA THR A 687 28.18 -12.64 1.66
C THR A 687 28.95 -12.77 2.96
N ILE A 688 28.27 -12.74 4.10
CA ILE A 688 28.99 -13.07 5.32
C ILE A 688 28.77 -14.54 5.53
N ALA A 689 27.51 -14.94 5.43
CA ALA A 689 27.07 -16.31 5.62
C ALA A 689 27.93 -17.22 4.78
N LEU A 690 27.54 -17.38 3.52
CA LEU A 690 28.29 -18.22 2.59
C LEU A 690 29.75 -17.82 2.58
N GLY A 691 30.02 -16.52 2.68
CA GLY A 691 31.37 -16.01 2.70
C GLY A 691 32.44 -16.55 3.64
N LEU A 692 32.12 -16.56 4.94
CA LEU A 692 33.03 -17.21 5.90
C LEU A 692 33.06 -18.81 6.00
N LYS A 693 31.99 -19.36 5.44
CA LYS A 693 31.92 -20.76 5.08
C LYS A 693 33.00 -20.99 4.03
N GLY A 694 33.22 -19.98 3.18
CA GLY A 694 34.32 -20.01 2.24
C GLY A 694 35.63 -20.17 2.97
N ILE A 695 36.02 -19.14 3.72
CA ILE A 695 37.34 -19.14 4.33
C ILE A 695 37.82 -20.31 5.16
N PHE A 696 37.01 -20.67 6.17
CA PHE A 696 37.41 -21.81 7.03
C PHE A 696 37.49 -23.16 6.25
N LEU A 697 36.70 -23.12 5.18
CA LEU A 697 36.69 -24.15 4.15
C LEU A 697 38.20 -24.36 4.09
N VAL A 698 38.88 -23.42 3.44
CA VAL A 698 40.30 -23.62 3.15
C VAL A 698 41.19 -23.78 4.37
N THR A 699 40.86 -23.09 5.47
CA THR A 699 41.75 -23.14 6.62
C THR A 699 41.80 -24.58 7.08
N THR A 700 40.61 -25.16 7.25
CA THR A 700 40.52 -26.52 7.75
C THR A 700 41.09 -27.48 6.70
N LEU A 701 41.06 -27.08 5.42
CA LEU A 701 41.65 -27.96 4.41
C LEU A 701 43.06 -27.81 3.85
N LEU A 702 43.81 -26.86 4.39
CA LEU A 702 45.19 -26.63 3.98
C LEU A 702 46.15 -26.87 5.17
N GLY A 703 45.68 -27.68 6.11
CA GLY A 703 46.47 -28.04 7.28
C GLY A 703 46.12 -27.22 8.50
N MET A 704 44.88 -26.76 8.56
CA MET A 704 44.42 -25.96 9.70
C MET A 704 42.94 -26.15 10.00
N THR A 705 42.56 -27.27 10.62
CA THR A 705 43.49 -28.32 11.02
C THR A 705 44.63 -27.81 11.90
N GLY A 706 44.29 -26.89 12.81
CA GLY A 706 42.93 -26.41 12.95
C GLY A 706 42.85 -25.14 13.79
N LEU A 707 41.67 -24.86 14.34
CA LEU A 707 41.47 -23.68 15.17
C LEU A 707 40.01 -23.44 15.52
N TRP A 708 39.68 -22.25 16.03
CA TRP A 708 38.32 -21.89 16.37
C TRP A 708 37.84 -21.54 14.97
N LEU A 709 36.57 -21.85 14.68
CA LEU A 709 36.12 -21.82 13.29
C LEU A 709 36.15 -23.28 12.44
N ALA A 710 37.12 -23.97 13.07
CA ALA A 710 37.49 -25.32 12.67
C ALA A 710 36.29 -26.12 12.19
N VAL A 711 35.35 -26.33 13.11
CA VAL A 711 34.01 -26.78 12.75
C VAL A 711 33.09 -25.63 13.14
N LEU A 712 33.34 -25.06 14.32
CA LEU A 712 32.48 -24.01 14.87
C LEU A 712 32.33 -22.72 14.09
N ALA A 713 33.22 -22.49 13.15
CA ALA A 713 33.29 -21.19 12.52
C ALA A 713 32.27 -21.02 11.41
N ASP A 714 31.01 -21.20 11.77
CA ASP A 714 29.94 -20.99 10.83
C ASP A 714 28.96 -20.48 11.82
N THR A 715 28.46 -21.36 12.67
CA THR A 715 27.52 -20.81 13.64
C THR A 715 28.00 -19.42 14.03
N GLY A 716 29.29 -19.18 13.80
CA GLY A 716 29.87 -17.85 13.91
C GLY A 716 29.40 -16.92 12.82
N ALA A 717 29.11 -17.45 11.63
CA ALA A 717 28.45 -16.66 10.60
C ALA A 717 27.04 -16.38 11.09
N THR A 718 26.08 -17.17 10.62
CA THR A 718 24.68 -17.19 11.11
C THR A 718 24.29 -16.12 12.14
N VAL A 719 25.03 -16.07 13.25
CA VAL A 719 24.81 -15.08 14.30
C VAL A 719 25.09 -13.64 13.82
N LEU A 720 26.17 -13.49 13.05
CA LEU A 720 26.48 -12.22 12.40
C LEU A 720 25.38 -11.88 11.39
N VAL A 721 24.73 -12.93 10.87
CA VAL A 721 23.67 -12.74 9.89
C VAL A 721 22.46 -12.24 10.70
N THR A 722 22.33 -12.72 11.93
CA THR A 722 21.31 -12.16 12.83
C THR A 722 21.62 -10.70 13.14
N ALA A 723 22.85 -10.49 13.60
CA ALA A 723 23.34 -9.17 13.96
C ALA A 723 23.36 -8.08 12.90
N ASN A 724 23.81 -8.44 11.71
CA ASN A 724 23.87 -7.50 10.60
C ASN A 724 22.47 -7.06 10.18
N ALA A 725 21.54 -8.01 10.21
CA ALA A 725 20.14 -7.72 9.88
C ALA A 725 19.51 -6.71 10.83
N LEU A 726 20.15 -6.49 11.97
CA LEU A 726 19.65 -5.56 12.98
C LEU A 726 20.24 -4.15 12.86
N ARG A 727 21.07 -3.93 11.86
CA ARG A 727 21.61 -2.61 11.60
C ARG A 727 20.54 -1.82 10.84
N LEU A 728 19.32 -2.34 10.91
CA LEU A 728 18.20 -1.78 10.20
C LEU A 728 17.34 -0.94 11.08
N LEU A 729 17.53 -1.03 12.39
CA LEU A 729 16.70 -0.27 13.30
C LEU A 729 17.43 0.97 13.77
N ARG A 730 16.66 1.96 14.19
CA ARG A 730 17.24 3.27 14.39
C ARG A 730 16.20 4.23 14.95
#